data_6XAC
#
_entry.id   6XAC
#
_cell.length_a   45.224
_cell.length_b   50.012
_cell.length_c   78.662
_cell.angle_alpha   90.000
_cell.angle_beta   90.000
_cell.angle_gamma   90.000
#
_symmetry.space_group_name_H-M   'P 21 21 21'
#
loop_
_entity.id
_entity.type
_entity.pdbx_description
1 polymer 'Antifreeze protein'
2 non-polymer beta-D-galactopyranose
3 non-polymer 'CALCIUM ION'
4 water water
#
_entity_poly.entity_id   1
_entity_poly.type   'polypeptide(L)'
_entity_poly.pdbx_seq_one_letter_code
;KAQDDSTPDSLFAGLVGEYYGTNSQLNNISDFRALVDSKEADATFEAANISYGRGSSDVAKGTHLQEFLGSDASTLSTDP
GDNTDGGIYLQGYVYLEAGTYNFKVTADDGYEITINGNPVATVDNNQSVYTVTHASFTISESGYQAIDMIWWDQGGDYVF
QPTLSADGGSTYFVLDSAILSSTGETPY
;
_entity_poly.pdbx_strand_id   A
#
loop_
_chem_comp.id
_chem_comp.type
_chem_comp.name
_chem_comp.formula
CA non-polymer 'CALCIUM ION' 'Ca 2'
GAL D-saccharide, beta linking beta-D-galactopyranose 'C6 H12 O6'
#
# COMPACT_ATOMS: atom_id res chain seq x y z
N ASP A 5 -5.61 22.90 -2.58
CA ASP A 5 -5.66 24.02 -1.59
C ASP A 5 -4.86 25.22 -2.11
N SER A 6 -3.77 25.53 -1.42
CA SER A 6 -2.86 26.67 -1.71
C SER A 6 -1.42 26.17 -1.83
N THR A 7 -1.20 24.85 -1.79
CA THR A 7 0.18 24.33 -1.87
C THR A 7 0.26 23.33 -3.02
N PRO A 8 1.27 23.40 -3.90
CA PRO A 8 1.39 22.45 -5.01
C PRO A 8 1.82 21.06 -4.53
N ASP A 9 1.23 20.01 -5.09
CA ASP A 9 1.61 18.65 -4.65
C ASP A 9 2.56 18.07 -5.69
N SER A 10 3.52 17.31 -5.24
CA SER A 10 4.53 16.71 -6.13
C SER A 10 3.86 15.73 -7.11
N LEU A 11 4.22 15.83 -8.39
CA LEU A 11 3.75 14.89 -9.43
C LEU A 11 4.88 13.88 -9.66
N PHE A 12 4.58 12.62 -9.35
CA PHE A 12 5.52 11.54 -9.59
C PHE A 12 4.71 10.30 -9.97
N ALA A 13 5.42 9.31 -10.53
CA ALA A 13 4.81 8.06 -10.99
C ALA A 13 4.75 7.08 -9.83
N GLY A 14 3.83 7.31 -8.89
CA GLY A 14 3.73 6.57 -7.69
C GLY A 14 2.58 7.06 -6.87
N LEU A 15 2.33 6.36 -5.75
CA LEU A 15 1.36 6.85 -4.76
C LEU A 15 2.10 7.65 -3.69
N VAL A 16 1.36 8.58 -3.06
CA VAL A 16 1.86 9.25 -1.91
C VAL A 16 1.89 8.29 -0.72
N GLY A 17 3.08 8.10 -0.14
CA GLY A 17 3.21 7.15 0.94
C GLY A 17 3.48 7.80 2.26
N GLU A 18 2.81 7.30 3.29
CA GLU A 18 3.02 7.68 4.67
C GLU A 18 3.29 6.41 5.50
N TYR A 19 4.28 6.48 6.37
CA TYR A 19 4.59 5.44 7.32
C TYR A 19 4.25 5.93 8.71
N TYR A 20 3.64 5.05 9.50
CA TYR A 20 3.33 5.30 10.92
C TYR A 20 3.79 4.12 11.75
N GLY A 21 4.47 4.45 12.85
CA GLY A 21 4.86 3.46 13.86
C GLY A 21 4.16 3.72 15.16
N THR A 22 4.04 2.66 15.97
CA THR A 22 3.40 2.77 17.29
C THR A 22 3.94 1.68 18.19
N ASN A 23 3.79 1.86 19.49
CA ASN A 23 4.09 0.88 20.46
C ASN A 23 2.87 0.22 21.06
N SER A 24 1.71 0.50 20.49
CA SER A 24 0.47 -0.22 20.76
C SER A 24 0.31 -1.33 19.75
N GLN A 25 -0.63 -2.25 20.05
CA GLN A 25 -0.87 -3.37 19.16
C GLN A 25 -1.79 -2.99 18.00
N LEU A 26 -1.43 -3.38 16.78
CA LEU A 26 -2.30 -3.25 15.63
C LEU A 26 -2.92 -4.64 15.36
N ASN A 27 -4.24 -4.73 15.55
CA ASN A 27 -4.95 -5.97 15.34
C ASN A 27 -5.75 -6.02 14.05
N ASN A 28 -6.06 -4.91 13.44
CA ASN A 28 -7.04 -4.83 12.36
C ASN A 28 -6.92 -3.48 11.64
N ILE A 29 -7.74 -3.32 10.59
CA ILE A 29 -7.70 -2.14 9.80
C ILE A 29 -8.03 -0.90 10.63
N SER A 30 -9.09 -1.00 11.44
N SER A 30 -9.06 -0.98 11.45
CA SER A 30 -9.52 0.10 12.31
CA SER A 30 -9.45 0.18 12.20
C SER A 30 -8.37 0.65 13.16
C SER A 30 -8.35 0.67 13.16
N ASP A 31 -7.58 -0.27 13.72
CA ASP A 31 -6.48 0.13 14.57
C ASP A 31 -5.45 0.91 13.76
N PHE A 32 -5.13 0.45 12.58
CA PHE A 32 -4.13 1.18 11.80
C PHE A 32 -4.68 2.56 11.35
N ARG A 33 -5.94 2.57 10.90
CA ARG A 33 -6.53 3.86 10.52
C ARG A 33 -6.53 4.85 11.68
N ALA A 34 -6.80 4.34 12.90
CA ALA A 34 -6.78 5.24 14.08
C ALA A 34 -5.36 5.77 14.30
N LEU A 35 -4.34 4.93 14.06
CA LEU A 35 -2.96 5.39 14.16
C LEU A 35 -2.68 6.53 13.16
N VAL A 36 -3.08 6.32 11.90
CA VAL A 36 -2.91 7.32 10.88
C VAL A 36 -3.54 8.64 11.28
N ASP A 37 -4.75 8.57 11.84
CA ASP A 37 -5.49 9.74 12.22
C ASP A 37 -4.95 10.42 13.47
N SER A 38 -4.07 9.77 14.23
CA SER A 38 -3.65 10.24 15.54
C SER A 38 -2.50 11.23 15.50
N LYS A 39 -1.77 11.31 14.38
CA LYS A 39 -0.56 12.08 14.34
C LYS A 39 -0.15 12.32 12.90
N GLU A 40 0.89 13.12 12.74
CA GLU A 40 1.54 13.28 11.44
C GLU A 40 2.34 12.00 11.14
N ALA A 41 2.52 11.69 9.87
CA ALA A 41 3.30 10.54 9.49
C ALA A 41 4.68 10.60 10.11
N ASP A 42 5.17 9.43 10.52
CA ASP A 42 6.56 9.30 10.99
C ASP A 42 7.55 9.45 9.84
N ALA A 43 7.15 9.12 8.61
CA ALA A 43 7.96 9.36 7.43
C ALA A 43 7.02 9.39 6.23
N THR A 44 7.40 10.14 5.20
CA THR A 44 6.72 10.08 3.92
C THR A 44 7.68 9.50 2.87
N PHE A 45 7.10 9.01 1.78
CA PHE A 45 7.87 8.44 0.68
C PHE A 45 7.00 8.38 -0.56
N GLU A 46 7.66 8.10 -1.66
CA GLU A 46 7.01 7.88 -2.95
C GLU A 46 6.89 6.37 -3.17
N ALA A 47 5.66 5.87 -3.33
CA ALA A 47 5.41 4.43 -3.51
C ALA A 47 5.28 4.18 -5.02
N ALA A 48 6.44 3.98 -5.65
CA ALA A 48 6.53 3.80 -7.11
C ALA A 48 6.65 2.34 -7.51
N ASN A 49 6.85 1.44 -6.57
CA ASN A 49 7.00 0.02 -6.93
C ASN A 49 6.47 -0.81 -5.77
N ILE A 50 5.17 -1.08 -5.82
CA ILE A 50 4.49 -1.55 -4.62
C ILE A 50 4.60 -3.07 -4.50
N SER A 51 5.80 -3.45 -4.06
CA SER A 51 6.17 -4.90 -3.87
C SER A 51 7.24 -4.86 -2.79
N TYR A 52 6.81 -5.04 -1.55
CA TYR A 52 7.60 -4.74 -0.39
C TYR A 52 7.90 -6.01 0.40
N GLY A 53 9.09 -6.10 0.96
CA GLY A 53 9.46 -7.29 1.86
C GLY A 53 9.83 -8.40 0.93
N ARG A 54 9.95 -9.61 1.48
CA ARG A 54 9.68 -10.04 2.85
C ARG A 54 10.89 -9.80 3.76
N GLY A 55 10.63 -9.53 5.02
CA GLY A 55 11.64 -9.51 6.03
C GLY A 55 11.12 -9.98 7.38
N SER A 56 12.01 -9.94 8.38
CA SER A 56 11.76 -10.47 9.70
C SER A 56 12.18 -9.47 10.78
N SER A 57 11.76 -9.77 12.00
CA SER A 57 12.17 -9.02 13.19
C SER A 57 11.60 -7.57 13.18
N ASP A 58 10.34 -7.44 12.74
CA ASP A 58 9.48 -6.26 12.97
C ASP A 58 9.77 -5.14 11.95
N VAL A 59 8.77 -4.76 11.16
CA VAL A 59 9.01 -3.72 10.15
C VAL A 59 9.45 -2.42 10.79
N ALA A 60 8.98 -2.16 12.02
CA ALA A 60 9.11 -0.86 12.66
C ALA A 60 10.43 -0.68 13.40
N LYS A 61 11.29 -1.73 13.41
CA LYS A 61 12.56 -1.73 14.08
C LYS A 61 13.73 -1.42 13.12
N GLY A 62 14.74 -0.75 13.63
CA GLY A 62 16.01 -0.59 12.93
C GLY A 62 15.80 -0.09 11.52
N THR A 63 16.47 -0.73 10.57
CA THR A 63 16.38 -0.39 9.17
C THR A 63 15.43 -1.27 8.37
N HIS A 64 14.57 -1.98 9.08
CA HIS A 64 13.68 -2.93 8.42
C HIS A 64 12.72 -2.25 7.45
N LEU A 65 12.26 -1.01 7.79
CA LEU A 65 11.36 -0.33 6.86
C LEU A 65 12.08 -0.04 5.52
N GLN A 66 13.33 0.42 5.62
CA GLN A 66 14.12 0.67 4.45
C GLN A 66 14.24 -0.58 3.59
N GLU A 67 14.54 -1.73 4.22
CA GLU A 67 14.68 -2.95 3.51
C GLU A 67 13.39 -3.37 2.85
N PHE A 68 12.28 -3.23 3.58
CA PHE A 68 10.95 -3.55 3.08
C PHE A 68 10.59 -2.73 1.86
N LEU A 69 10.81 -1.40 1.93
CA LEU A 69 10.42 -0.50 0.83
C LEU A 69 11.36 -0.64 -0.37
N GLY A 70 12.55 -1.15 -0.16
CA GLY A 70 13.48 -1.37 -1.27
C GLY A 70 13.75 -0.12 -2.04
N SER A 71 13.53 -0.21 -3.37
CA SER A 71 13.77 0.89 -4.34
C SER A 71 13.12 2.20 -3.84
N ASP A 72 11.95 2.09 -3.25
CA ASP A 72 11.13 3.28 -2.79
C ASP A 72 11.75 3.94 -1.57
N ALA A 73 12.62 3.26 -0.84
CA ALA A 73 13.17 3.84 0.40
C ALA A 73 14.06 5.07 0.16
N SER A 74 14.60 5.23 -1.05
CA SER A 74 15.40 6.41 -1.34
C SER A 74 14.61 7.72 -1.28
N THR A 75 13.29 7.63 -1.23
CA THR A 75 12.45 8.81 -1.14
C THR A 75 11.95 9.06 0.27
N LEU A 76 12.42 8.29 1.27
CA LEU A 76 12.00 8.52 2.61
C LEU A 76 12.39 9.93 3.09
N SER A 77 11.44 10.60 3.76
CA SER A 77 11.67 11.92 4.32
C SER A 77 12.58 11.93 5.54
N THR A 78 12.53 10.81 6.29
N THR A 78 12.69 10.77 6.21
CA THR A 78 13.30 10.63 7.51
CA THR A 78 13.41 10.67 7.46
C THR A 78 13.56 9.13 7.67
C THR A 78 13.48 9.18 7.76
N ASP A 79 14.44 8.79 8.60
CA ASP A 79 14.56 7.44 9.10
C ASP A 79 13.83 7.35 10.41
N PRO A 80 12.65 6.75 10.47
CA PRO A 80 11.93 6.68 11.74
C PRO A 80 12.72 5.97 12.84
N GLY A 81 12.46 6.33 14.07
CA GLY A 81 12.96 5.57 15.19
C GLY A 81 12.24 4.24 15.35
N ASP A 82 12.67 3.48 16.37
CA ASP A 82 12.06 2.18 16.55
C ASP A 82 10.64 2.30 17.09
N ASN A 83 9.81 1.34 16.68
CA ASN A 83 8.54 1.10 17.27
C ASN A 83 8.30 -0.42 17.26
N THR A 84 7.26 -0.92 17.95
CA THR A 84 6.96 -2.34 17.87
C THR A 84 6.14 -2.71 16.67
N ASP A 85 5.24 -1.83 16.25
CA ASP A 85 4.22 -2.08 15.24
C ASP A 85 4.29 -0.91 14.23
N GLY A 86 3.89 -1.16 12.99
CA GLY A 86 3.88 -0.04 12.09
C GLY A 86 3.21 -0.42 10.78
N GLY A 87 2.96 0.58 9.93
CA GLY A 87 2.31 0.31 8.67
C GLY A 87 2.38 1.50 7.72
N ILE A 88 1.76 1.31 6.55
CA ILE A 88 1.80 2.33 5.53
C ILE A 88 0.39 2.67 5.06
N TYR A 89 0.23 3.93 4.68
CA TYR A 89 -0.98 4.46 4.03
C TYR A 89 -0.55 5.07 2.72
N LEU A 90 -1.07 4.53 1.62
CA LEU A 90 -0.72 5.00 0.29
C LEU A 90 -1.97 5.61 -0.37
N GLN A 91 -1.79 6.72 -1.08
CA GLN A 91 -2.93 7.31 -1.77
C GLN A 91 -2.50 7.98 -3.08
N GLY A 92 -3.34 7.85 -4.10
CA GLY A 92 -3.09 8.53 -5.34
C GLY A 92 -4.00 7.95 -6.40
N TYR A 93 -3.43 7.69 -7.57
CA TYR A 93 -4.19 7.27 -8.73
C TYR A 93 -3.46 6.17 -9.49
N VAL A 94 -4.26 5.39 -10.21
CA VAL A 94 -3.74 4.29 -11.04
C VAL A 94 -4.49 4.30 -12.35
N TYR A 95 -3.71 4.26 -13.43
CA TYR A 95 -4.33 4.25 -14.77
C TYR A 95 -4.88 2.86 -15.04
N LEU A 96 -6.18 2.72 -15.27
CA LEU A 96 -6.80 1.51 -15.65
C LEU A 96 -7.80 1.79 -16.76
N GLU A 97 -7.78 0.95 -17.81
CA GLU A 97 -8.84 0.95 -18.79
C GLU A 97 -10.12 0.39 -18.21
N ALA A 98 -11.26 0.81 -18.77
CA ALA A 98 -12.52 0.16 -18.44
C ALA A 98 -12.39 -1.35 -18.64
N GLY A 99 -12.98 -2.09 -17.71
CA GLY A 99 -12.97 -3.53 -17.76
C GLY A 99 -13.09 -4.13 -16.35
N THR A 100 -12.79 -5.42 -16.29
CA THR A 100 -12.88 -6.22 -15.09
C THR A 100 -11.47 -6.56 -14.61
N TYR A 101 -11.27 -6.47 -13.31
CA TYR A 101 -9.98 -6.67 -12.66
C TYR A 101 -10.12 -7.47 -11.38
N ASN A 102 -9.02 -8.03 -10.89
CA ASN A 102 -9.06 -8.53 -9.50
C ASN A 102 -7.64 -8.45 -8.94
N PHE A 103 -7.55 -8.20 -7.62
CA PHE A 103 -6.30 -8.28 -6.91
C PHE A 103 -5.97 -9.70 -6.46
N LYS A 104 -4.68 -9.96 -6.34
CA LYS A 104 -4.15 -11.11 -5.66
C LYS A 104 -2.99 -10.61 -4.82
N VAL A 105 -3.15 -10.71 -3.50
CA VAL A 105 -2.26 -9.99 -2.59
C VAL A 105 -1.55 -10.98 -1.66
N THR A 106 -0.23 -10.84 -1.58
CA THR A 106 0.56 -11.56 -0.60
C THR A 106 0.90 -10.62 0.53
N ALA A 107 0.63 -10.99 1.78
CA ALA A 107 0.83 -10.04 2.88
C ALA A 107 1.00 -10.74 4.18
N ASP A 108 1.73 -10.06 5.07
CA ASP A 108 1.81 -10.25 6.50
C ASP A 108 2.06 -8.85 7.04
N ASP A 109 1.14 -8.18 7.79
CA ASP A 109 -0.13 -8.66 8.32
C ASP A 109 -1.25 -8.35 7.32
N GLY A 110 -2.27 -7.62 7.77
CA GLY A 110 -3.46 -7.30 6.97
C GLY A 110 -3.33 -6.06 6.10
N TYR A 111 -4.40 -5.78 5.40
CA TYR A 111 -4.40 -4.64 4.45
C TYR A 111 -5.82 -4.35 3.97
N GLU A 112 -5.95 -3.19 3.34
CA GLU A 112 -7.19 -2.87 2.62
C GLU A 112 -6.84 -1.96 1.45
N ILE A 113 -7.33 -2.33 0.28
CA ILE A 113 -7.16 -1.51 -0.94
C ILE A 113 -8.56 -1.04 -1.36
N THR A 114 -8.64 0.22 -1.68
N THR A 114 -8.64 0.22 -1.69
CA THR A 114 -9.92 0.78 -2.16
CA THR A 114 -9.91 0.80 -2.15
C THR A 114 -9.69 1.54 -3.48
C THR A 114 -9.69 1.52 -3.48
N ILE A 115 -10.61 1.35 -4.42
CA ILE A 115 -10.53 2.04 -5.72
C ILE A 115 -11.84 2.77 -5.92
N ASN A 116 -11.72 4.08 -6.16
CA ASN A 116 -12.92 4.95 -6.33
C ASN A 116 -13.84 4.83 -5.11
N GLY A 117 -13.29 4.77 -3.89
CA GLY A 117 -14.06 4.69 -2.66
C GLY A 117 -14.60 3.30 -2.32
N ASN A 118 -14.36 2.29 -3.16
CA ASN A 118 -14.91 0.94 -2.88
C ASN A 118 -13.81 -0.05 -2.47
N PRO A 119 -13.91 -0.75 -1.34
CA PRO A 119 -12.89 -1.75 -0.97
C PRO A 119 -12.90 -2.87 -2.02
N VAL A 120 -11.71 -3.20 -2.49
CA VAL A 120 -11.56 -4.26 -3.53
C VAL A 120 -10.62 -5.36 -3.02
N ALA A 121 -9.96 -5.17 -1.90
CA ALA A 121 -9.11 -6.25 -1.35
C ALA A 121 -8.96 -5.97 0.13
N THR A 122 -9.45 -6.88 0.96
CA THR A 122 -9.42 -6.65 2.42
C THR A 122 -8.99 -7.90 3.19
N VAL A 123 -8.06 -7.70 4.12
CA VAL A 123 -7.72 -8.72 5.17
C VAL A 123 -7.71 -7.91 6.46
N ASP A 124 -8.76 -8.11 7.25
CA ASP A 124 -9.00 -7.29 8.47
C ASP A 124 -8.49 -8.00 9.72
N ASN A 125 -7.27 -8.52 9.67
CA ASN A 125 -6.69 -9.25 10.82
C ASN A 125 -5.21 -9.49 10.56
N ASN A 126 -4.54 -9.89 11.62
CA ASN A 126 -3.12 -10.26 11.52
C ASN A 126 -3.02 -11.65 10.92
N GLN A 127 -1.89 -11.91 10.30
CA GLN A 127 -1.69 -13.24 9.71
C GLN A 127 -0.23 -13.38 9.35
N SER A 128 0.23 -14.65 9.35
CA SER A 128 1.57 -14.95 8.73
CA SER A 128 1.55 -14.99 8.72
C SER A 128 1.39 -14.84 7.15
N VAL A 129 2.50 -14.89 6.43
CA VAL A 129 2.47 -14.66 4.95
C VAL A 129 1.44 -15.55 4.21
N TYR A 130 0.43 -14.93 3.60
CA TYR A 130 -0.62 -15.67 2.85
C TYR A 130 -0.95 -14.88 1.57
N THR A 131 -1.38 -15.60 0.52
CA THR A 131 -1.75 -14.98 -0.75
C THR A 131 -3.25 -15.20 -0.89
N VAL A 132 -3.99 -14.12 -1.08
CA VAL A 132 -5.45 -14.23 -1.30
C VAL A 132 -5.75 -13.71 -2.71
N THR A 133 -6.53 -14.50 -3.44
CA THR A 133 -7.05 -14.06 -4.76
C THR A 133 -8.41 -13.44 -4.44
N HIS A 134 -8.52 -12.13 -4.60
CA HIS A 134 -9.76 -11.40 -4.26
C HIS A 134 -10.76 -11.44 -5.41
N ALA A 135 -12.00 -11.13 -5.07
CA ALA A 135 -13.11 -11.10 -6.03
C ALA A 135 -12.87 -10.01 -7.07
N SER A 136 -13.49 -10.17 -8.23
N SER A 136 -13.48 -10.18 -8.23
CA SER A 136 -13.31 -9.20 -9.33
CA SER A 136 -13.34 -9.20 -9.33
C SER A 136 -14.16 -7.95 -9.09
C SER A 136 -14.14 -7.93 -9.06
N PHE A 137 -13.74 -6.86 -9.72
CA PHE A 137 -14.45 -5.56 -9.64
C PHE A 137 -14.38 -4.98 -11.05
N THR A 138 -15.23 -4.00 -11.31
CA THR A 138 -15.24 -3.38 -12.66
C THR A 138 -14.87 -1.90 -12.58
N ILE A 139 -14.19 -1.48 -13.61
CA ILE A 139 -13.86 -0.04 -13.81
C ILE A 139 -14.78 0.40 -14.94
N SER A 140 -15.61 1.42 -14.67
CA SER A 140 -16.61 1.87 -15.66
C SER A 140 -16.00 2.70 -16.79
N GLU A 141 -15.02 3.52 -16.46
CA GLU A 141 -14.46 4.45 -17.48
C GLU A 141 -12.93 4.43 -17.42
N SER A 142 -12.31 4.34 -18.57
CA SER A 142 -10.82 4.35 -18.65
C SER A 142 -10.27 5.67 -18.11
N GLY A 143 -9.13 5.57 -17.44
CA GLY A 143 -8.44 6.77 -16.96
C GLY A 143 -7.76 6.53 -15.63
N TYR A 144 -7.35 7.61 -14.98
CA TYR A 144 -6.74 7.48 -13.64
C TYR A 144 -7.85 7.28 -12.62
N GLN A 145 -7.78 6.15 -11.92
CA GLN A 145 -8.74 5.80 -10.86
C GLN A 145 -8.11 6.16 -9.52
N ALA A 146 -8.92 6.66 -8.60
CA ALA A 146 -8.44 6.95 -7.25
C ALA A 146 -8.17 5.62 -6.52
N ILE A 147 -7.05 5.55 -5.85
CA ILE A 147 -6.73 4.30 -5.13
C ILE A 147 -6.00 4.61 -3.84
N ASP A 148 -6.39 3.90 -2.78
N ASP A 148 -6.39 3.90 -2.80
CA ASP A 148 -5.62 4.04 -1.52
CA ASP A 148 -5.65 4.03 -1.52
C ASP A 148 -5.40 2.63 -0.95
C ASP A 148 -5.41 2.63 -0.95
N MET A 149 -4.32 2.51 -0.19
CA MET A 149 -3.99 1.23 0.43
C MET A 149 -3.53 1.48 1.85
N ILE A 150 -3.90 0.53 2.69
CA ILE A 150 -3.26 0.45 4.01
C ILE A 150 -2.75 -0.99 4.13
N TRP A 151 -1.66 -1.07 4.84
CA TRP A 151 -1.01 -2.34 5.19
C TRP A 151 -0.36 -2.12 6.54
N TRP A 152 -0.27 -3.14 7.38
CA TRP A 152 0.48 -3.02 8.61
C TRP A 152 1.17 -4.32 8.99
N ASP A 153 2.08 -4.16 9.94
CA ASP A 153 2.77 -5.23 10.63
C ASP A 153 2.58 -5.08 12.12
N GLN A 154 2.04 -6.14 12.76
CA GLN A 154 1.91 -6.16 14.24
C GLN A 154 3.24 -6.58 14.90
N GLY A 155 4.20 -7.01 14.08
CA GLY A 155 5.44 -7.57 14.55
C GLY A 155 5.75 -8.87 13.82
N GLY A 156 7.01 -9.26 13.95
CA GLY A 156 7.48 -10.52 13.32
C GLY A 156 7.88 -10.31 11.87
N ASP A 157 7.33 -11.15 11.00
CA ASP A 157 7.60 -11.02 9.60
C ASP A 157 6.69 -9.98 8.96
N TYR A 158 7.05 -9.57 7.75
CA TYR A 158 6.30 -8.54 7.05
C TYR A 158 6.55 -8.68 5.55
N VAL A 159 5.47 -8.55 4.79
CA VAL A 159 5.54 -8.56 3.33
C VAL A 159 4.27 -7.89 2.82
N PHE A 160 4.33 -7.20 1.66
CA PHE A 160 3.12 -6.66 1.04
C PHE A 160 3.33 -6.54 -0.44
N GLN A 161 2.60 -7.37 -1.19
CA GLN A 161 2.67 -7.35 -2.64
C GLN A 161 1.29 -7.51 -3.23
N PRO A 162 0.56 -6.42 -3.55
N PRO A 162 0.60 -6.39 -3.48
CA PRO A 162 -0.80 -6.51 -4.12
CA PRO A 162 -0.65 -6.42 -4.22
C PRO A 162 -0.78 -6.43 -5.66
C PRO A 162 -0.22 -6.66 -5.67
N THR A 163 -0.89 -7.56 -6.33
CA THR A 163 -0.82 -7.65 -7.77
C THR A 163 -2.24 -7.58 -8.33
N LEU A 164 -2.32 -7.18 -9.60
CA LEU A 164 -3.62 -6.95 -10.24
C LEU A 164 -3.66 -7.72 -11.57
N SER A 165 -4.82 -8.29 -11.87
CA SER A 165 -5.05 -8.94 -13.12
C SER A 165 -6.15 -8.23 -13.88
N ALA A 166 -5.94 -8.05 -15.20
CA ALA A 166 -6.90 -7.52 -16.16
C ALA A 166 -7.49 -8.59 -17.07
N ASP A 167 -7.07 -9.84 -16.86
CA ASP A 167 -7.39 -10.90 -17.84
C ASP A 167 -7.94 -12.13 -17.13
N GLY A 168 -8.72 -11.90 -16.08
CA GLY A 168 -9.41 -12.98 -15.44
C GLY A 168 -8.51 -13.89 -14.61
N GLY A 169 -7.40 -13.35 -14.16
CA GLY A 169 -6.50 -14.04 -13.27
C GLY A 169 -5.48 -14.92 -13.99
N SER A 170 -5.31 -14.74 -15.33
N SER A 170 -5.32 -14.75 -15.30
CA SER A 170 -4.29 -15.45 -16.12
CA SER A 170 -4.33 -15.49 -15.99
C SER A 170 -2.91 -14.85 -15.88
C SER A 170 -2.95 -14.87 -15.71
N THR A 171 -2.85 -13.53 -15.81
CA THR A 171 -1.60 -12.83 -15.54
C THR A 171 -1.89 -11.71 -14.54
N TYR A 172 -0.85 -11.39 -13.76
CA TYR A 172 -0.93 -10.33 -12.76
C TYR A 172 0.29 -9.44 -12.87
N PHE A 173 0.11 -8.17 -12.51
CA PHE A 173 1.19 -7.20 -12.51
C PHE A 173 1.27 -6.48 -11.17
N VAL A 174 2.47 -6.04 -10.82
CA VAL A 174 2.68 -5.10 -9.72
C VAL A 174 2.27 -3.71 -10.17
N LEU A 175 1.74 -2.95 -9.20
CA LEU A 175 1.44 -1.51 -9.41
C LEU A 175 2.74 -0.74 -9.22
N ASP A 176 3.18 -0.09 -10.32
CA ASP A 176 4.45 0.59 -10.31
C ASP A 176 4.34 1.84 -11.19
N SER A 177 5.52 2.44 -11.47
CA SER A 177 5.58 3.70 -12.19
C SER A 177 4.98 3.63 -13.57
N ALA A 178 4.75 2.45 -14.14
CA ALA A 178 4.10 2.39 -15.45
C ALA A 178 2.71 3.02 -15.46
N ILE A 179 1.99 2.91 -14.33
CA ILE A 179 0.57 3.26 -14.26
C ILE A 179 0.18 4.12 -13.07
N LEU A 180 1.05 4.33 -12.10
CA LEU A 180 0.69 5.11 -10.93
C LEU A 180 0.95 6.60 -11.20
N SER A 181 0.11 7.41 -10.54
CA SER A 181 0.26 8.86 -10.58
C SER A 181 -0.10 9.41 -9.19
N SER A 182 0.72 10.34 -8.69
CA SER A 182 0.44 10.87 -7.36
C SER A 182 -0.77 11.83 -7.35
N THR A 183 -1.05 12.49 -8.46
CA THR A 183 -2.06 13.53 -8.52
C THR A 183 -3.17 13.24 -9.50
N GLY A 184 -2.99 12.27 -10.40
CA GLY A 184 -3.94 12.01 -11.44
C GLY A 184 -3.58 12.70 -12.77
N GLU A 185 -2.52 13.49 -12.76
CA GLU A 185 -1.92 13.96 -14.02
C GLU A 185 -0.92 12.92 -14.54
N THR A 186 -0.64 12.99 -15.85
CA THR A 186 0.26 12.01 -16.44
C THR A 186 1.67 12.32 -16.02
N PRO A 187 2.49 11.41 -15.34
CA PRO A 187 4.06 11.49 -14.86
C PRO A 187 4.83 11.24 -16.16
N TYR A 188 5.78 12.13 -16.37
CA TYR A 188 6.82 12.03 -17.41
C TYR A 188 8.16 12.13 -16.68
C1 GAL B . 2.41 -12.40 12.00
C2 GAL B . 3.89 -12.69 12.12
C3 GAL B . 4.10 -14.15 11.98
C4 GAL B . 3.21 -14.94 12.96
C5 GAL B . 1.78 -14.46 12.81
C6 GAL B . 0.91 -15.14 13.85
O1 GAL B . 2.23 -11.00 12.26
O2 GAL B . 4.61 -11.91 11.17
O3 GAL B . 5.48 -14.48 12.14
O4 GAL B . 3.70 -14.70 14.29
O5 GAL B . 1.67 -13.09 13.02
O6 GAL B . -0.45 -14.86 13.58
CA CA C . 3.86 -9.52 11.04
CA CA D . 2.41 -5.77 18.12
CA CA E . 15.00 4.26 -5.39
CA CA F . 14.65 3.22 11.69
CA CA G . -2.01 20.72 -2.26
CA CA H . -2.05 11.57 9.97
CA CA I . 12.38 -5.25 -2.70
#